data_9GFC
#
_entry.id   9GFC
#
_cell.length_a   61.628
_cell.length_b   40.736
_cell.length_c   78.177
_cell.angle_alpha   90
_cell.angle_beta   95.86
_cell.angle_gamma   90
#
_symmetry.space_group_name_H-M   'P 1 21 1'
#
loop_
_entity.id
_entity.type
_entity.pdbx_description
1 polymer 'E3 ubiquitin-protein ligase Mdm2'
2 polymer 'Stapled peptide-like ligand'
3 water water
#
loop_
_entity_poly.entity_id
_entity_poly.type
_entity_poly.pdbx_seq_one_letter_code
_entity_poly.pdbx_strand_id
1 'polypeptide(L)'
;ETLVRPKPLLLKLLKSVGAQKDTYTMKEVLFYLGQYIMTKRLYDEKQQHIVYCSNDLLGDLFGVPSFSVKEHRKIYTMIY
RNLVVV
;
A,B,C,D
2 'polypeptide(L)' (ACE)TSF(NLE)EYW(HRG)LLSP(NH2) E,F,G
#
# COMPACT_ATOMS: atom_id res chain seq x y z
N GLU A 1 1.55 -21.18 -19.70
CA GLU A 1 2.22 -22.39 -19.22
C GLU A 1 3.52 -22.04 -18.51
N THR A 2 4.30 -21.13 -19.12
CA THR A 2 5.54 -20.67 -18.52
C THR A 2 5.22 -19.60 -17.49
N LEU A 3 5.60 -19.88 -16.23
CA LEU A 3 5.36 -19.06 -15.07
C LEU A 3 6.56 -18.23 -14.65
N VAL A 4 6.28 -17.07 -14.06
CA VAL A 4 7.29 -16.12 -13.62
C VAL A 4 7.06 -15.56 -12.20
N ARG A 5 8.15 -15.43 -11.42
CA ARG A 5 8.07 -14.81 -10.11
C ARG A 5 8.64 -13.39 -10.24
N PRO A 6 7.77 -12.36 -10.25
CA PRO A 6 8.26 -10.99 -10.45
C PRO A 6 9.09 -10.50 -9.29
N LYS A 7 10.18 -9.77 -9.61
CA LYS A 7 11.08 -9.21 -8.60
C LYS A 7 10.38 -8.11 -7.76
N PRO A 8 10.90 -7.81 -6.53
CA PRO A 8 10.24 -6.85 -5.63
C PRO A 8 9.57 -5.61 -6.24
N LEU A 9 10.23 -4.85 -7.13
CA LEU A 9 9.62 -3.63 -7.67
C LEU A 9 8.45 -3.89 -8.62
N LEU A 10 8.63 -4.79 -9.61
CA LEU A 10 7.59 -5.16 -10.56
C LEU A 10 6.38 -5.81 -9.83
N LEU A 11 6.66 -6.56 -8.75
CA LEU A 11 5.60 -7.18 -7.96
C LEU A 11 4.75 -6.13 -7.24
N LYS A 12 5.38 -5.07 -6.70
CA LYS A 12 4.63 -4.01 -6.02
C LYS A 12 3.68 -3.25 -6.97
N LEU A 13 4.05 -3.16 -8.26
CA LEU A 13 3.19 -2.53 -9.26
C LEU A 13 1.95 -3.42 -9.51
N LEU A 14 2.15 -4.75 -9.69
CA LEU A 14 1.04 -5.68 -9.96
C LEU A 14 0.14 -5.80 -8.74
N LYS A 15 0.75 -5.89 -7.55
CA LYS A 15 0.03 -6.01 -6.29
C LYS A 15 -0.72 -4.74 -5.91
N SER A 16 -0.20 -3.56 -6.29
CA SER A 16 -0.85 -2.30 -5.99
C SER A 16 -2.14 -2.05 -6.80
N VAL A 17 -2.46 -2.90 -7.79
CA VAL A 17 -3.69 -2.74 -8.55
C VAL A 17 -4.71 -3.87 -8.29
N GLY A 18 -4.48 -4.73 -7.30
CA GLY A 18 -5.45 -5.77 -6.96
C GLY A 18 -5.03 -7.21 -7.22
N ALA A 19 -3.78 -7.45 -7.68
CA ALA A 19 -3.28 -8.79 -7.92
C ALA A 19 -2.71 -9.34 -6.62
N GLN A 20 -3.09 -10.58 -6.23
CA GLN A 20 -2.63 -11.14 -4.95
C GLN A 20 -1.71 -12.36 -5.06
N LYS A 21 -1.42 -12.85 -6.27
CA LYS A 21 -0.54 -14.02 -6.39
C LYS A 21 0.96 -13.61 -6.44
N ASP A 22 1.88 -14.60 -6.47
CA ASP A 22 3.33 -14.39 -6.55
C ASP A 22 3.94 -15.03 -7.83
N THR A 23 3.19 -15.93 -8.50
CA THR A 23 3.64 -16.63 -9.69
C THR A 23 2.64 -16.33 -10.77
N TYR A 24 3.10 -15.75 -11.85
CA TYR A 24 2.23 -15.27 -12.91
C TYR A 24 2.54 -15.86 -14.25
N THR A 25 1.61 -15.72 -15.19
CA THR A 25 1.81 -16.08 -16.59
C THR A 25 2.23 -14.76 -17.29
N MET A 26 2.82 -14.82 -18.49
CA MET A 26 3.20 -13.61 -19.21
C MET A 26 1.94 -12.78 -19.55
N LYS A 27 0.78 -13.43 -19.74
CA LYS A 27 -0.49 -12.76 -20.04
C LYS A 27 -0.96 -11.91 -18.87
N GLU A 28 -0.76 -12.40 -17.65
CA GLU A 28 -1.15 -11.73 -16.41
C GLU A 28 -0.23 -10.56 -16.12
N VAL A 29 1.09 -10.72 -16.34
CA VAL A 29 2.05 -9.64 -16.13
C VAL A 29 1.71 -8.46 -17.05
N LEU A 30 1.37 -8.76 -18.31
CA LEU A 30 1.00 -7.72 -19.27
C LEU A 30 -0.37 -7.12 -19.03
N PHE A 31 -1.29 -7.90 -18.45
CA PHE A 31 -2.61 -7.40 -18.12
C PHE A 31 -2.48 -6.43 -16.96
N TYR A 32 -1.91 -6.89 -15.82
CA TYR A 32 -1.77 -6.12 -14.60
C TYR A 32 -0.91 -4.90 -14.80
N LEU A 33 0.13 -4.99 -15.64
CA LEU A 33 0.97 -3.81 -15.93
C LEU A 33 0.23 -2.76 -16.74
N GLY A 34 -0.55 -3.20 -17.72
CA GLY A 34 -1.37 -2.29 -18.52
C GLY A 34 -2.49 -1.67 -17.70
N GLN A 35 -3.01 -2.42 -16.71
CA GLN A 35 -4.04 -1.94 -15.78
C GLN A 35 -3.44 -0.92 -14.79
N TYR A 36 -2.13 -1.05 -14.47
CA TYR A 36 -1.44 -0.13 -13.57
C TYR A 36 -1.36 1.24 -14.22
N ILE A 37 -1.00 1.31 -15.50
CA ILE A 37 -0.88 2.58 -16.24
C ILE A 37 -2.26 3.22 -16.44
N MET A 38 -3.29 2.41 -16.68
CA MET A 38 -4.64 2.92 -16.89
C MET A 38 -5.26 3.45 -15.61
N THR A 39 -5.06 2.74 -14.51
CA THR A 39 -5.60 3.18 -13.22
C THR A 39 -4.89 4.46 -12.76
N LYS A 40 -3.57 4.53 -12.97
CA LYS A 40 -2.78 5.68 -12.59
C LYS A 40 -2.82 6.82 -13.64
N ARG A 41 -3.49 6.58 -14.80
CA ARG A 41 -3.64 7.52 -15.92
C ARG A 41 -2.29 8.09 -16.33
N LEU A 42 -1.30 7.20 -16.45
CA LEU A 42 0.04 7.62 -16.82
C LEU A 42 0.18 7.98 -18.28
N TYR A 43 -0.79 7.56 -19.12
CA TYR A 43 -0.80 7.82 -20.56
C TYR A 43 -1.11 9.28 -20.91
N ASP A 44 -0.59 9.74 -22.05
CA ASP A 44 -0.87 11.06 -22.57
C ASP A 44 -2.28 11.00 -23.11
N GLU A 45 -3.21 11.75 -22.52
CA GLU A 45 -4.62 11.78 -22.88
C GLU A 45 -4.93 11.97 -24.39
N LYS A 46 -4.10 12.76 -25.11
CA LYS A 46 -4.31 13.03 -26.54
C LYS A 46 -3.66 11.98 -27.46
N GLN A 47 -2.42 11.56 -27.16
CA GLN A 47 -1.71 10.52 -27.94
C GLN A 47 -1.42 9.47 -26.91
N GLN A 48 -2.39 8.55 -26.70
CA GLN A 48 -2.36 7.59 -25.61
C GLN A 48 -1.25 6.56 -25.67
N HIS A 49 -0.34 6.64 -26.66
CA HIS A 49 0.79 5.74 -26.67
C HIS A 49 1.97 6.25 -25.81
N ILE A 50 1.99 7.53 -25.48
CA ILE A 50 3.05 8.13 -24.66
C ILE A 50 2.73 7.90 -23.19
N VAL A 51 3.71 7.45 -22.38
CA VAL A 51 3.50 7.17 -20.96
C VAL A 51 4.45 7.98 -20.05
N TYR A 52 3.90 8.92 -19.25
CA TYR A 52 4.66 9.74 -18.30
C TYR A 52 4.68 9.02 -16.95
N CYS A 53 5.88 8.80 -16.41
CA CYS A 53 6.04 8.07 -15.15
C CYS A 53 7.28 8.60 -14.41
N SER A 54 7.50 9.91 -14.48
CA SER A 54 8.65 10.59 -13.88
C SER A 54 8.52 10.59 -12.37
N ASN A 55 7.30 10.83 -11.86
CA ASN A 55 7.08 10.80 -10.41
C ASN A 55 6.32 9.57 -10.02
N ASP A 56 6.62 8.45 -10.69
CA ASP A 56 5.96 7.18 -10.46
C ASP A 56 6.96 6.06 -10.32
N LEU A 57 6.57 5.01 -9.60
CA LEU A 57 7.35 3.81 -9.36
C LEU A 57 7.74 3.13 -10.67
N LEU A 58 6.88 3.24 -11.71
CA LEU A 58 7.13 2.66 -13.03
C LEU A 58 8.42 3.23 -13.65
N GLY A 59 8.71 4.50 -13.40
CA GLY A 59 9.90 5.18 -13.88
C GLY A 59 11.20 4.59 -13.38
N ASP A 60 11.20 4.06 -12.14
CA ASP A 60 12.37 3.38 -11.51
C ASP A 60 12.64 2.05 -12.22
N LEU A 61 11.56 1.32 -12.51
CA LEU A 61 11.63 0.06 -13.21
C LEU A 61 12.02 0.26 -14.65
N PHE A 62 11.58 1.37 -15.26
CA PHE A 62 11.83 1.65 -16.66
C PHE A 62 13.22 2.21 -16.95
N GLY A 63 13.63 3.19 -16.17
CA GLY A 63 14.93 3.84 -16.33
C GLY A 63 14.81 5.29 -16.77
N VAL A 64 13.83 5.57 -17.61
CA VAL A 64 13.57 6.90 -18.17
C VAL A 64 12.32 7.52 -17.57
N PRO A 65 12.16 8.86 -17.61
CA PRO A 65 10.93 9.47 -17.09
C PRO A 65 9.71 9.28 -18.00
N SER A 66 9.94 8.82 -19.26
CA SER A 66 8.87 8.59 -20.21
C SER A 66 9.26 7.61 -21.29
N PHE A 67 8.24 6.95 -21.87
CA PHE A 67 8.39 5.99 -22.95
C PHE A 67 7.13 5.91 -23.78
N SER A 68 7.26 5.41 -25.01
CA SER A 68 6.11 5.18 -25.86
C SER A 68 5.88 3.68 -25.88
N VAL A 69 4.61 3.26 -25.73
CA VAL A 69 4.28 1.83 -25.72
C VAL A 69 4.68 1.12 -27.03
N LYS A 70 4.97 1.87 -28.10
CA LYS A 70 5.44 1.31 -29.36
C LYS A 70 6.89 0.81 -29.29
N GLU A 71 7.64 1.19 -28.24
CA GLU A 71 9.03 0.77 -28.02
C GLU A 71 9.01 -0.59 -27.33
N HIS A 72 8.63 -1.66 -28.06
CA HIS A 72 8.45 -2.99 -27.50
C HIS A 72 9.68 -3.58 -26.81
N ARG A 73 10.87 -3.49 -27.43
CA ARG A 73 12.13 -3.98 -26.88
C ARG A 73 12.41 -3.41 -25.48
N LYS A 74 12.16 -2.10 -25.31
CA LYS A 74 12.37 -1.32 -24.11
C LYS A 74 11.43 -1.80 -23.00
N ILE A 75 10.17 -2.06 -23.34
CA ILE A 75 9.14 -2.56 -22.42
C ILE A 75 9.42 -4.02 -22.02
N TYR A 76 9.82 -4.84 -22.99
CA TYR A 76 10.15 -6.24 -22.73
C TYR A 76 11.49 -6.41 -21.99
N THR A 77 12.39 -5.39 -22.04
CA THR A 77 13.65 -5.37 -21.31
C THR A 77 13.34 -5.20 -19.82
N MET A 78 12.42 -4.31 -19.49
CA MET A 78 12.03 -4.08 -18.10
C MET A 78 11.25 -5.29 -17.58
N ILE A 79 10.36 -5.84 -18.39
CA ILE A 79 9.58 -7.01 -18.03
C ILE A 79 10.48 -8.21 -17.67
N TYR A 80 11.27 -8.75 -18.63
CA TYR A 80 12.09 -9.93 -18.33
C TYR A 80 13.27 -9.66 -17.42
N ARG A 81 13.79 -8.43 -17.34
CA ARG A 81 14.90 -8.16 -16.41
C ARG A 81 14.47 -8.19 -14.95
N ASN A 82 13.17 -7.96 -14.70
CA ASN A 82 12.59 -7.89 -13.36
C ASN A 82 11.67 -9.05 -13.05
N LEU A 83 11.96 -10.23 -13.60
CA LEU A 83 11.20 -11.44 -13.29
C LEU A 83 12.08 -12.67 -13.32
N VAL A 84 11.66 -13.74 -12.62
CA VAL A 84 12.39 -14.98 -12.68
C VAL A 84 11.52 -16.00 -13.44
N VAL A 85 12.04 -16.62 -14.51
CA VAL A 85 11.26 -17.60 -15.27
C VAL A 85 11.45 -19.00 -14.67
N VAL A 86 10.40 -19.86 -14.73
CA VAL A 86 10.49 -21.25 -14.27
C VAL A 86 10.27 -22.24 -15.43
N GLU B 1 14.02 22.64 10.43
CA GLU B 1 13.55 23.53 9.36
C GLU B 1 13.82 22.97 7.94
N THR B 2 14.71 21.98 7.81
CA THR B 2 15.07 21.40 6.51
C THR B 2 14.02 20.44 6.07
N LEU B 3 13.43 20.69 4.89
CA LEU B 3 12.43 19.81 4.33
C LEU B 3 12.90 19.16 3.05
N VAL B 4 12.39 17.95 2.82
CA VAL B 4 12.71 17.10 1.68
C VAL B 4 11.46 16.49 1.07
N ARG B 5 11.54 16.13 -0.20
CA ARG B 5 10.47 15.43 -0.90
C ARG B 5 11.04 14.15 -1.51
N PRO B 6 10.67 12.99 -0.96
CA PRO B 6 11.25 11.73 -1.43
C PRO B 6 10.84 11.33 -2.84
N LYS B 7 11.77 10.69 -3.57
CA LYS B 7 11.50 10.18 -4.89
C LYS B 7 10.53 8.97 -4.79
N PRO B 8 9.76 8.66 -5.86
CA PRO B 8 8.78 7.56 -5.78
C PRO B 8 9.13 6.30 -4.97
N LEU B 9 10.35 5.75 -5.10
CA LEU B 9 10.70 4.52 -4.38
C LEU B 9 10.78 4.74 -2.88
N LEU B 10 11.60 5.70 -2.43
CA LEU B 10 11.75 6.04 -1.02
C LEU B 10 10.41 6.45 -0.41
N LEU B 11 9.61 7.20 -1.17
CA LEU B 11 8.28 7.61 -0.72
C LEU B 11 7.37 6.41 -0.46
N LYS B 12 7.41 5.39 -1.34
CA LYS B 12 6.62 4.16 -1.21
C LYS B 12 6.96 3.39 0.07
N LEU B 13 8.23 3.45 0.50
CA LEU B 13 8.70 2.81 1.73
C LEU B 13 8.16 3.54 2.96
N LEU B 14 8.21 4.90 2.96
CA LEU B 14 7.70 5.65 4.11
C LEU B 14 6.17 5.56 4.26
N LYS B 15 5.43 5.58 3.13
CA LYS B 15 3.97 5.52 3.12
C LYS B 15 3.40 4.16 3.52
N SER B 16 4.18 3.09 3.32
CA SER B 16 3.75 1.75 3.69
C SER B 16 3.91 1.47 5.21
N VAL B 17 4.42 2.43 6.02
CA VAL B 17 4.62 2.23 7.46
C VAL B 17 3.79 3.19 8.34
N GLY B 18 2.85 3.90 7.75
CA GLY B 18 2.00 4.81 8.51
C GLY B 18 1.99 6.25 8.02
N ALA B 19 3.07 6.69 7.36
CA ALA B 19 3.15 8.06 6.88
C ALA B 19 2.27 8.33 5.67
N GLN B 20 1.56 9.46 5.66
CA GLN B 20 0.71 9.79 4.51
C GLN B 20 1.14 11.08 3.80
N LYS B 21 1.88 11.95 4.49
CA LYS B 21 2.36 13.22 3.97
C LYS B 21 3.36 13.04 2.81
N ASP B 22 3.64 14.13 2.08
CA ASP B 22 4.58 14.08 0.96
C ASP B 22 5.89 14.82 1.28
N THR B 23 5.84 15.82 2.18
CA THR B 23 7.03 16.56 2.57
C THR B 23 7.48 16.15 3.96
N TYR B 24 8.78 15.93 4.15
CA TYR B 24 9.32 15.40 5.41
C TYR B 24 10.50 16.19 5.91
N THR B 25 10.82 16.02 7.20
CA THR B 25 12.07 16.57 7.76
C THR B 25 13.11 15.44 7.68
N MET B 26 14.41 15.74 7.85
CA MET B 26 15.41 14.69 7.85
C MET B 26 15.19 13.76 9.05
N LYS B 27 14.81 14.31 10.20
CA LYS B 27 14.50 13.52 11.39
C LYS B 27 13.36 12.52 11.16
N GLU B 28 12.34 12.91 10.38
CA GLU B 28 11.21 12.03 10.05
C GLU B 28 11.56 10.95 9.05
N VAL B 29 12.35 11.30 7.98
CA VAL B 29 12.77 10.33 6.94
C VAL B 29 13.52 9.17 7.57
N LEU B 30 14.38 9.46 8.55
CA LEU B 30 15.14 8.43 9.25
C LEU B 30 14.26 7.62 10.21
N PHE B 31 13.27 8.27 10.83
CA PHE B 31 12.37 7.58 11.74
C PHE B 31 11.52 6.52 11.05
N TYR B 32 10.78 6.91 10.00
CA TYR B 32 9.92 5.96 9.29
C TYR B 32 10.72 4.90 8.53
N LEU B 33 11.92 5.24 8.06
CA LEU B 33 12.76 4.30 7.36
C LEU B 33 13.27 3.19 8.29
N GLY B 34 13.50 3.53 9.57
CA GLY B 34 13.85 2.57 10.60
C GLY B 34 12.63 1.75 10.99
N GLN B 35 11.45 2.37 11.05
CA GLN B 35 10.19 1.66 11.29
C GLN B 35 9.91 0.66 10.18
N TYR B 36 10.31 0.96 8.94
CA TYR B 36 10.13 0.06 7.82
C TYR B 36 10.93 -1.22 8.02
N ILE B 37 12.23 -1.10 8.30
CA ILE B 37 13.10 -2.23 8.51
C ILE B 37 12.67 -3.03 9.75
N MET B 38 12.24 -2.34 10.82
CA MET B 38 11.80 -3.02 12.04
C MET B 38 10.45 -3.73 11.90
N THR B 39 9.45 -3.05 11.31
CA THR B 39 8.11 -3.60 11.12
C THR B 39 8.22 -4.79 10.17
N LYS B 40 8.87 -4.58 9.03
CA LYS B 40 9.07 -5.63 8.03
C LYS B 40 9.92 -6.80 8.54
N ARG B 41 10.52 -6.69 9.75
CA ARG B 41 11.37 -7.68 10.40
C ARG B 41 12.54 -8.05 9.49
N LEU B 42 13.19 -7.05 8.90
CA LEU B 42 14.32 -7.27 7.99
C LEU B 42 15.65 -7.48 8.67
N TYR B 43 15.77 -7.16 9.96
CA TYR B 43 17.04 -7.31 10.69
C TYR B 43 17.35 -8.75 11.07
N ASP B 44 18.64 -9.07 11.25
CA ASP B 44 19.14 -10.37 11.70
C ASP B 44 18.78 -10.50 13.19
N GLU B 45 18.13 -11.58 13.61
CA GLU B 45 17.66 -11.84 14.98
C GLU B 45 18.74 -11.72 16.05
N LYS B 46 19.96 -12.20 15.75
CA LYS B 46 21.08 -12.22 16.69
C LYS B 46 22.00 -10.99 16.60
N GLN B 47 22.46 -10.63 15.38
CA GLN B 47 23.29 -9.43 15.19
C GLN B 47 22.38 -8.42 14.53
N GLN B 48 21.57 -7.73 15.35
CA GLN B 48 20.49 -6.84 14.94
C GLN B 48 20.89 -5.57 14.26
N HIS B 49 22.13 -5.47 13.79
CA HIS B 49 22.52 -4.36 12.93
C HIS B 49 22.52 -4.79 11.46
N ILE B 50 22.49 -6.09 11.14
CA ILE B 50 22.52 -6.57 9.76
C ILE B 50 21.08 -6.63 9.26
N VAL B 51 20.84 -6.11 8.06
CA VAL B 51 19.53 -6.04 7.41
C VAL B 51 19.57 -6.89 6.14
N TYR B 52 18.56 -7.74 5.92
CA TYR B 52 18.43 -8.58 4.72
C TYR B 52 17.23 -8.09 3.97
N CYS B 53 17.42 -7.63 2.72
CA CYS B 53 16.36 -7.07 1.89
C CYS B 53 16.43 -7.63 0.45
N SER B 54 16.66 -8.95 0.32
CA SER B 54 16.82 -9.70 -0.94
C SER B 54 15.61 -9.60 -1.87
N ASN B 55 14.41 -9.84 -1.34
CA ASN B 55 13.21 -9.76 -2.15
C ASN B 55 12.35 -8.64 -1.59
N ASP B 56 12.98 -7.50 -1.38
CA ASP B 56 12.35 -6.35 -0.77
C ASP B 56 12.66 -5.09 -1.56
N LEU B 57 11.74 -4.13 -1.50
CA LEU B 57 11.87 -2.83 -2.14
C LEU B 57 13.13 -2.11 -1.66
N LEU B 58 13.45 -2.26 -0.37
CA LEU B 58 14.62 -1.66 0.26
C LEU B 58 15.92 -2.14 -0.41
N GLY B 59 15.93 -3.39 -0.91
CA GLY B 59 17.09 -3.93 -1.60
C GLY B 59 17.42 -3.18 -2.87
N ASP B 60 16.38 -2.81 -3.63
CA ASP B 60 16.51 -2.04 -4.88
C ASP B 60 16.87 -0.58 -4.57
N LEU B 61 16.34 -0.05 -3.47
CA LEU B 61 16.62 1.32 -3.05
C LEU B 61 18.05 1.45 -2.52
N PHE B 62 18.58 0.41 -1.88
CA PHE B 62 19.92 0.43 -1.32
C PHE B 62 20.99 -0.01 -2.33
N GLY B 63 20.63 -0.88 -3.26
CA GLY B 63 21.56 -1.35 -4.29
C GLY B 63 22.32 -2.62 -3.94
N VAL B 64 21.84 -3.34 -2.91
CA VAL B 64 22.45 -4.59 -2.44
C VAL B 64 21.44 -5.44 -1.69
N PRO B 65 21.61 -6.78 -1.67
CA PRO B 65 20.66 -7.64 -0.94
C PRO B 65 20.77 -7.56 0.58
N SER B 66 21.93 -7.17 1.10
CA SER B 66 22.14 -7.03 2.54
C SER B 66 23.12 -5.92 2.87
N PHE B 67 23.14 -5.51 4.15
CA PHE B 67 23.99 -4.44 4.66
C PHE B 67 23.86 -4.32 6.19
N SER B 68 24.76 -3.55 6.82
CA SER B 68 24.75 -3.28 8.25
C SER B 68 24.40 -1.82 8.47
N VAL B 69 23.66 -1.47 9.55
CA VAL B 69 23.34 -0.06 9.80
C VAL B 69 24.61 0.75 10.20
N LYS B 70 25.71 0.09 10.58
CA LYS B 70 26.98 0.75 10.89
C LYS B 70 27.63 1.42 9.63
N GLU B 71 27.20 1.01 8.41
CA GLU B 71 27.66 1.56 7.14
C GLU B 71 26.94 2.89 6.88
N HIS B 72 27.22 3.90 7.71
CA HIS B 72 26.56 5.20 7.59
C HIS B 72 26.66 5.87 6.24
N ARG B 73 27.81 5.86 5.55
CA ARG B 73 27.90 6.52 4.23
C ARG B 73 26.91 5.91 3.23
N LYS B 74 26.92 4.57 3.11
CA LYS B 74 26.09 3.78 2.24
C LYS B 74 24.62 4.06 2.51
N ILE B 75 24.24 4.19 3.79
CA ILE B 75 22.85 4.45 4.15
C ILE B 75 22.45 5.87 3.87
N TYR B 76 23.33 6.82 4.15
CA TYR B 76 23.01 8.22 3.89
C TYR B 76 23.05 8.55 2.38
N THR B 77 23.76 7.74 1.56
CA THR B 77 23.81 7.88 0.10
C THR B 77 22.45 7.45 -0.46
N MET B 78 21.90 6.34 0.07
CA MET B 78 20.60 5.82 -0.31
C MET B 78 19.53 6.85 0.08
N ILE B 79 19.62 7.44 1.30
CA ILE B 79 18.64 8.45 1.71
C ILE B 79 18.72 9.74 0.83
N TYR B 80 19.87 10.44 0.85
CA TYR B 80 20.01 11.70 0.13
C TYR B 80 19.81 11.59 -1.39
N ARG B 81 20.41 10.59 -2.06
CA ARG B 81 20.21 10.45 -3.51
C ARG B 81 18.77 10.21 -3.92
N ASN B 82 17.92 9.79 -2.96
CA ASN B 82 16.53 9.48 -3.26
C ASN B 82 15.52 10.48 -2.74
N LEU B 83 15.92 11.74 -2.68
CA LEU B 83 15.01 12.82 -2.32
C LEU B 83 15.50 14.15 -2.92
N VAL B 84 14.65 15.19 -2.81
CA VAL B 84 14.96 16.53 -3.26
C VAL B 84 14.94 17.45 -2.04
N VAL B 85 15.97 18.31 -1.83
CA VAL B 85 15.89 19.30 -0.75
C VAL B 85 15.06 20.46 -1.29
N VAL B 86 13.88 20.69 -0.68
CA VAL B 86 12.93 21.67 -1.18
C VAL B 86 12.91 23.04 -0.48
N GLU C 1 -17.14 20.77 -6.16
CA GLU C 1 -16.25 20.92 -5.02
C GLU C 1 -16.55 19.95 -3.86
N THR C 2 -17.37 18.92 -4.09
CA THR C 2 -17.73 17.98 -3.01
C THR C 2 -16.70 16.84 -2.82
N LEU C 3 -16.38 16.54 -1.56
CA LEU C 3 -15.46 15.46 -1.24
C LEU C 3 -16.16 14.45 -0.33
N VAL C 4 -15.76 13.18 -0.42
CA VAL C 4 -16.36 12.12 0.38
C VAL C 4 -15.29 11.29 1.09
N ARG C 5 -15.64 10.71 2.23
CA ARG C 5 -14.74 9.85 3.00
C ARG C 5 -15.37 8.46 3.09
N PRO C 6 -14.92 7.51 2.26
CA PRO C 6 -15.53 6.17 2.27
C PRO C 6 -15.42 5.39 3.58
N LYS C 7 -16.38 4.46 3.77
CA LYS C 7 -16.45 3.56 4.91
C LYS C 7 -15.34 2.48 4.76
N PRO C 8 -14.94 1.78 5.84
CA PRO C 8 -13.82 0.81 5.73
C PRO C 8 -13.82 -0.19 4.57
N LEU C 9 -14.90 -0.94 4.33
CA LEU C 9 -14.91 -1.92 3.24
C LEU C 9 -14.87 -1.27 1.86
N LEU C 10 -15.55 -0.12 1.68
CA LEU C 10 -15.51 0.62 0.41
C LEU C 10 -14.12 1.28 0.23
N LEU C 11 -13.46 1.67 1.33
CA LEU C 11 -12.13 2.25 1.36
C LEU C 11 -11.11 1.19 0.94
N LYS C 12 -11.21 -0.05 1.49
CA LYS C 12 -10.30 -1.13 1.13
C LYS C 12 -10.58 -1.71 -0.28
N LEU C 13 -11.73 -1.38 -0.86
CA LEU C 13 -12.08 -1.75 -2.23
C LEU C 13 -11.39 -0.80 -3.22
N LEU C 14 -11.19 0.48 -2.80
CA LEU C 14 -10.53 1.52 -3.58
C LEU C 14 -9.03 1.43 -3.41
N LYS C 15 -8.55 1.26 -2.18
CA LYS C 15 -7.12 1.13 -1.86
C LYS C 15 -6.49 -0.09 -2.53
N SER C 16 -7.27 -1.17 -2.69
CA SER C 16 -6.81 -2.42 -3.29
C SER C 16 -6.48 -2.31 -4.75
N VAL C 17 -7.15 -1.42 -5.50
CA VAL C 17 -6.87 -1.30 -6.93
C VAL C 17 -6.04 -0.09 -7.33
N GLY C 18 -5.39 0.58 -6.37
CA GLY C 18 -4.50 1.68 -6.72
C GLY C 18 -4.65 3.01 -6.01
N ALA C 19 -5.76 3.23 -5.28
CA ALA C 19 -5.96 4.51 -4.59
C ALA C 19 -5.18 4.59 -3.29
N GLN C 20 -4.54 5.75 -3.03
CA GLN C 20 -3.74 5.91 -1.82
C GLN C 20 -4.36 6.86 -0.81
N LYS C 21 -5.16 7.84 -1.28
CA LYS C 21 -5.75 8.86 -0.43
C LYS C 21 -6.92 8.34 0.46
N ASP C 22 -7.34 9.16 1.44
CA ASP C 22 -8.47 8.82 2.34
C ASP C 22 -9.75 9.63 1.99
N THR C 23 -9.57 10.77 1.30
CA THR C 23 -10.65 11.67 0.89
C THR C 23 -10.63 11.73 -0.63
N TYR C 24 -11.77 11.45 -1.25
CA TYR C 24 -11.84 11.42 -2.72
C TYR C 24 -12.94 12.35 -3.23
N THR C 25 -12.90 12.68 -4.53
CA THR C 25 -13.99 13.40 -5.16
C THR C 25 -14.99 12.31 -5.62
N MET C 26 -16.22 12.71 -5.97
CA MET C 26 -17.21 11.75 -6.46
C MET C 26 -16.79 11.12 -7.80
N LYS C 27 -16.00 11.86 -8.62
CA LYS C 27 -15.54 11.40 -9.93
C LYS C 27 -14.50 10.29 -9.83
N GLU C 28 -13.70 10.31 -8.76
CA GLU C 28 -12.69 9.29 -8.55
C GLU C 28 -13.31 8.00 -8.04
N VAL C 29 -14.33 8.09 -7.19
CA VAL C 29 -15.02 6.92 -6.63
C VAL C 29 -15.70 6.07 -7.74
N LEU C 30 -16.23 6.72 -8.79
CA LEU C 30 -16.84 5.99 -9.91
C LEU C 30 -15.75 5.44 -10.87
N PHE C 31 -14.62 6.18 -11.02
CA PHE C 31 -13.50 5.74 -11.85
C PHE C 31 -12.77 4.54 -11.20
N TYR C 32 -12.43 4.62 -9.91
CA TYR C 32 -11.72 3.55 -9.20
C TYR C 32 -12.58 2.31 -8.98
N LEU C 33 -13.93 2.44 -9.05
CA LEU C 33 -14.89 1.33 -8.86
C LEU C 33 -14.98 0.47 -10.13
N GLY C 34 -14.94 1.10 -11.29
CA GLY C 34 -14.93 0.41 -12.56
C GLY C 34 -13.60 -0.28 -12.81
N GLN C 35 -12.50 0.32 -12.30
CA GLN C 35 -11.17 -0.26 -12.36
C GLN C 35 -11.13 -1.54 -11.54
N TYR C 36 -11.85 -1.59 -10.41
CA TYR C 36 -11.96 -2.76 -9.55
C TYR C 36 -12.65 -3.92 -10.29
N ILE C 37 -13.69 -3.59 -11.09
CA ILE C 37 -14.42 -4.59 -11.86
C ILE C 37 -13.60 -5.09 -13.05
N MET C 38 -12.90 -4.18 -13.74
CA MET C 38 -12.08 -4.53 -14.89
C MET C 38 -10.73 -5.16 -14.56
N THR C 39 -10.20 -4.94 -13.35
CA THR C 39 -8.90 -5.53 -12.98
C THR C 39 -9.11 -6.94 -12.46
N LYS C 40 -10.14 -7.15 -11.64
CA LYS C 40 -10.45 -8.48 -11.13
C LYS C 40 -11.25 -9.34 -12.14
N ARG C 41 -11.76 -8.72 -13.23
CA ARG C 41 -12.57 -9.35 -14.28
C ARG C 41 -13.88 -9.89 -13.72
N LEU C 42 -14.69 -8.99 -13.19
CA LEU C 42 -15.97 -9.34 -12.63
C LEU C 42 -17.14 -9.20 -13.62
N TYR C 43 -16.92 -8.50 -14.74
CA TYR C 43 -17.96 -8.31 -15.74
C TYR C 43 -18.15 -9.55 -16.64
N ASP C 44 -19.21 -9.56 -17.45
CA ASP C 44 -19.51 -10.67 -18.36
C ASP C 44 -18.66 -10.54 -19.63
N GLU C 45 -18.40 -11.67 -20.31
CA GLU C 45 -17.61 -11.65 -21.53
C GLU C 45 -18.43 -11.10 -22.70
N LYS C 46 -19.67 -11.56 -22.87
CA LYS C 46 -20.49 -11.15 -24.00
C LYS C 46 -21.40 -9.94 -23.70
N GLN C 47 -22.25 -10.02 -22.66
CA GLN C 47 -23.09 -8.88 -22.29
C GLN C 47 -22.38 -8.13 -21.18
N GLN C 48 -21.52 -7.19 -21.55
CA GLN C 48 -20.65 -6.50 -20.60
C GLN C 48 -21.30 -5.49 -19.65
N HIS C 49 -22.60 -5.63 -19.36
CA HIS C 49 -23.26 -4.81 -18.34
C HIS C 49 -23.52 -5.60 -17.05
N ILE C 50 -23.36 -6.93 -17.07
CA ILE C 50 -23.64 -7.78 -15.93
C ILE C 50 -22.37 -7.94 -15.09
N VAL C 51 -22.47 -7.70 -13.77
CA VAL C 51 -21.33 -7.83 -12.89
C VAL C 51 -21.56 -8.99 -11.91
N TYR C 52 -20.59 -9.91 -11.82
CA TYR C 52 -20.70 -11.07 -10.94
C TYR C 52 -19.78 -10.88 -9.74
N CYS C 53 -20.31 -11.01 -8.54
CA CYS C 53 -19.51 -10.80 -7.32
C CYS C 53 -19.91 -11.73 -6.17
N SER C 54 -19.70 -13.06 -6.34
CA SER C 54 -20.08 -14.02 -5.31
C SER C 54 -19.14 -14.04 -4.09
N ASN C 55 -17.85 -14.38 -4.27
CA ASN C 55 -16.91 -14.43 -3.15
C ASN C 55 -15.94 -13.25 -3.27
N ASP C 56 -16.50 -12.06 -3.51
CA ASP C 56 -15.71 -10.85 -3.70
C ASP C 56 -16.04 -9.78 -2.65
N LEU C 57 -15.11 -8.83 -2.46
CA LEU C 57 -15.36 -7.71 -1.56
C LEU C 57 -16.49 -6.80 -2.11
N LEU C 58 -16.68 -6.77 -3.45
CA LEU C 58 -17.74 -6.03 -4.13
C LEU C 58 -19.12 -6.58 -3.72
N GLY C 59 -19.23 -7.91 -3.60
CA GLY C 59 -20.46 -8.58 -3.21
C GLY C 59 -20.90 -8.21 -1.81
N ASP C 60 -19.91 -8.02 -0.90
CA ASP C 60 -20.12 -7.60 0.50
C ASP C 60 -20.74 -6.19 0.60
N LEU C 61 -20.53 -5.36 -0.43
CA LEU C 61 -21.03 -3.99 -0.49
C LEU C 61 -22.45 -3.90 -1.04
N PHE C 62 -22.86 -4.87 -1.86
CA PHE C 62 -24.19 -4.87 -2.44
C PHE C 62 -25.16 -5.72 -1.66
N GLY C 63 -24.71 -6.91 -1.25
CA GLY C 63 -25.54 -7.87 -0.55
C GLY C 63 -26.31 -8.79 -1.49
N VAL C 64 -25.83 -8.94 -2.75
CA VAL C 64 -26.39 -9.76 -3.80
C VAL C 64 -25.24 -10.35 -4.61
N PRO C 65 -25.28 -11.63 -5.03
CA PRO C 65 -24.15 -12.21 -5.78
C PRO C 65 -23.93 -11.64 -7.18
N SER C 66 -24.84 -10.80 -7.67
CA SER C 66 -24.70 -10.22 -9.00
C SER C 66 -25.58 -9.00 -9.18
N PHE C 67 -25.17 -8.12 -10.08
CA PHE C 67 -25.96 -6.94 -10.42
C PHE C 67 -25.75 -6.54 -11.92
N SER C 68 -26.37 -5.46 -12.36
CA SER C 68 -26.25 -4.95 -13.70
C SER C 68 -25.89 -3.48 -13.52
N VAL C 69 -24.86 -2.99 -14.24
CA VAL C 69 -24.47 -1.58 -14.12
C VAL C 69 -25.63 -0.65 -14.57
N LYS C 70 -26.58 -1.15 -15.42
CA LYS C 70 -27.74 -0.38 -15.85
C LYS C 70 -28.73 -0.10 -14.70
N GLU C 71 -28.61 -0.82 -13.57
CA GLU C 71 -29.37 -0.57 -12.35
C GLU C 71 -28.65 0.58 -11.64
N HIS C 72 -28.84 1.83 -12.11
CA HIS C 72 -28.19 3.04 -11.57
C HIS C 72 -28.56 3.34 -10.12
N ARG C 73 -29.83 3.10 -9.72
CA ARG C 73 -30.24 3.37 -8.34
C ARG C 73 -29.51 2.45 -7.39
N LYS C 74 -29.42 1.16 -7.77
CA LYS C 74 -28.77 0.11 -6.98
C LYS C 74 -27.29 0.43 -6.63
N ILE C 75 -26.48 0.81 -7.64
CA ILE C 75 -25.06 1.13 -7.42
C ILE C 75 -24.91 2.43 -6.63
N TYR C 76 -25.71 3.44 -6.97
CA TYR C 76 -25.67 4.71 -6.24
C TYR C 76 -26.11 4.57 -4.78
N THR C 77 -26.94 3.53 -4.46
CA THR C 77 -27.38 3.18 -3.11
C THR C 77 -26.16 2.61 -2.35
N MET C 78 -25.38 1.76 -3.00
CA MET C 78 -24.15 1.19 -2.44
C MET C 78 -23.11 2.29 -2.20
N ILE C 79 -22.80 3.09 -3.24
CA ILE C 79 -21.81 4.16 -3.12
C ILE C 79 -22.16 5.17 -2.03
N TYR C 80 -23.28 5.93 -2.15
CA TYR C 80 -23.67 6.95 -1.16
C TYR C 80 -23.87 6.42 0.25
N ARG C 81 -24.36 5.17 0.40
CA ARG C 81 -24.50 4.57 1.73
C ARG C 81 -23.12 4.26 2.32
N ASN C 82 -22.14 3.93 1.47
CA ASN C 82 -20.81 3.60 1.95
C ASN C 82 -19.84 4.78 1.97
N LEU C 83 -20.33 6.04 1.95
CA LEU C 83 -19.43 7.20 2.05
C LEU C 83 -20.06 8.37 2.83
N VAL C 84 -19.22 9.20 3.46
CA VAL C 84 -19.65 10.37 4.24
C VAL C 84 -19.06 11.64 3.65
N VAL C 85 -19.92 12.49 3.06
CA VAL C 85 -19.55 13.75 2.41
C VAL C 85 -19.00 14.77 3.40
N VAL C 86 -17.76 15.25 3.18
CA VAL C 86 -17.15 16.25 4.06
C VAL C 86 -17.08 17.63 3.37
N GLU D 1 -3.62 19.91 23.00
CA GLU D 1 -4.07 19.59 24.35
C GLU D 1 -4.40 18.10 24.58
N THR D 2 -4.49 17.31 23.50
CA THR D 2 -4.78 15.88 23.63
C THR D 2 -3.47 15.08 23.59
N LEU D 3 -2.79 15.06 24.74
CA LEU D 3 -1.57 14.32 24.95
C LEU D 3 -1.89 13.33 26.04
N VAL D 4 -1.78 12.04 25.73
CA VAL D 4 -2.05 10.99 26.70
C VAL D 4 -0.75 10.41 27.28
N ARG D 5 -0.82 9.88 28.50
CA ARG D 5 0.31 9.27 29.17
C ARG D 5 -0.07 7.83 29.50
N PRO D 6 0.26 6.87 28.61
CA PRO D 6 -0.12 5.46 28.85
C PRO D 6 0.38 4.85 30.17
N LYS D 7 -0.36 3.86 30.68
CA LYS D 7 -0.06 3.14 31.92
C LYS D 7 1.22 2.26 31.78
N PRO D 8 1.85 1.80 32.89
CA PRO D 8 3.09 1.01 32.76
C PRO D 8 3.13 -0.08 31.69
N LEU D 9 2.04 -0.85 31.53
CA LEU D 9 1.94 -1.92 30.54
C LEU D 9 1.86 -1.40 29.11
N LEU D 10 1.02 -0.37 28.87
CA LEU D 10 0.89 0.18 27.52
C LEU D 10 2.15 0.94 27.11
N LEU D 11 2.83 1.58 28.06
CA LEU D 11 4.06 2.32 27.80
C LEU D 11 5.19 1.35 27.45
N LYS D 12 5.28 0.22 28.17
CA LYS D 12 6.28 -0.82 27.90
C LYS D 12 6.10 -1.37 26.49
N LEU D 13 4.85 -1.55 26.05
CA LEU D 13 4.55 -2.07 24.73
C LEU D 13 5.00 -1.12 23.63
N LEU D 14 4.79 0.18 23.81
CA LEU D 14 5.16 1.15 22.78
C LEU D 14 6.65 1.45 22.77
N LYS D 15 7.28 1.56 23.94
CA LYS D 15 8.71 1.80 24.03
C LYS D 15 9.54 0.64 23.45
N SER D 16 8.96 -0.55 23.32
CA SER D 16 9.65 -1.72 22.80
C SER D 16 9.63 -1.84 21.28
N VAL D 17 8.99 -0.91 20.55
CA VAL D 17 8.91 -0.99 19.09
C VAL D 17 9.16 0.36 18.43
N GLY D 18 10.09 1.14 18.98
CA GLY D 18 10.45 2.41 18.38
C GLY D 18 10.14 3.66 19.18
N ALA D 19 10.21 3.58 20.52
CA ALA D 19 9.94 4.76 21.35
C ALA D 19 10.77 4.82 22.63
N GLN D 20 10.95 6.03 23.19
CA GLN D 20 11.68 6.26 24.45
C GLN D 20 11.16 7.48 25.23
N LYS D 21 9.90 7.89 24.99
CA LYS D 21 9.29 9.03 25.68
C LYS D 21 8.14 8.57 26.63
N ASP D 22 7.60 9.49 27.45
CA ASP D 22 6.53 9.13 28.41
C ASP D 22 5.15 9.62 27.96
N THR D 23 5.09 10.71 27.19
CA THR D 23 3.83 11.31 26.73
C THR D 23 3.69 11.25 25.21
N TYR D 24 2.55 10.72 24.73
CA TYR D 24 2.26 10.56 23.29
C TYR D 24 0.85 11.05 22.97
N THR D 25 0.57 11.43 21.72
CA THR D 25 -0.79 11.83 21.32
C THR D 25 -1.64 10.55 21.08
N MET D 26 -2.97 10.70 20.85
CA MET D 26 -3.81 9.53 20.54
C MET D 26 -3.45 8.97 19.14
N LYS D 27 -2.96 9.82 18.23
CA LYS D 27 -2.54 9.42 16.89
C LYS D 27 -1.27 8.56 17.00
N GLU D 28 -0.32 8.99 17.87
CA GLU D 28 0.97 8.33 18.11
C GLU D 28 0.84 6.92 18.67
N VAL D 29 0.01 6.74 19.71
CA VAL D 29 -0.21 5.44 20.35
C VAL D 29 -0.87 4.47 19.35
N LEU D 30 -1.85 4.96 18.58
CA LEU D 30 -2.54 4.17 17.55
C LEU D 30 -1.56 3.68 16.47
N PHE D 31 -0.53 4.48 16.18
CA PHE D 31 0.51 4.16 15.21
C PHE D 31 1.47 3.13 15.81
N TYR D 32 2.00 3.40 17.01
CA TYR D 32 2.96 2.53 17.70
C TYR D 32 2.37 1.15 18.01
N LEU D 33 1.09 1.10 18.34
CA LEU D 33 0.33 -0.12 18.63
C LEU D 33 0.38 -1.09 17.44
N GLY D 34 0.30 -0.56 16.23
CA GLY D 34 0.34 -1.33 14.99
C GLY D 34 1.73 -1.82 14.66
N GLN D 35 2.76 -1.01 14.98
CA GLN D 35 4.17 -1.37 14.77
C GLN D 35 4.61 -2.54 15.67
N TYR D 36 3.91 -2.73 16.79
CA TYR D 36 4.13 -3.81 17.72
C TYR D 36 3.58 -5.10 17.11
N ILE D 37 2.37 -5.06 16.49
CA ILE D 37 1.74 -6.22 15.87
C ILE D 37 2.53 -6.71 14.64
N MET D 38 2.93 -5.79 13.77
CA MET D 38 3.66 -6.12 12.54
C MET D 38 5.01 -6.74 12.84
N THR D 39 5.70 -6.25 13.86
CA THR D 39 7.01 -6.75 14.26
C THR D 39 6.88 -8.13 14.94
N LYS D 40 5.82 -8.32 15.74
CA LYS D 40 5.58 -9.59 16.45
C LYS D 40 4.96 -10.68 15.57
N ARG D 41 4.39 -10.30 14.40
CA ARG D 41 3.69 -11.19 13.47
C ARG D 41 2.49 -11.83 14.17
N LEU D 42 1.76 -11.03 14.94
CA LEU D 42 0.58 -11.52 15.65
C LEU D 42 -0.61 -11.72 14.72
N TYR D 43 -0.62 -11.08 13.53
CA TYR D 43 -1.69 -11.27 12.57
C TYR D 43 -1.58 -12.61 11.83
N ASP D 44 -2.70 -13.10 11.30
CA ASP D 44 -2.71 -14.35 10.53
C ASP D 44 -2.19 -14.04 9.10
N GLU D 45 -1.51 -15.02 8.45
CA GLU D 45 -0.97 -14.81 7.11
C GLU D 45 -2.05 -14.62 6.03
N LYS D 46 -3.03 -15.54 5.99
CA LYS D 46 -4.11 -15.45 5.01
C LYS D 46 -5.12 -14.38 5.41
N GLN D 47 -5.58 -14.39 6.68
CA GLN D 47 -6.52 -13.36 7.15
C GLN D 47 -5.83 -12.38 8.11
N GLN D 48 -5.14 -11.38 7.54
CA GLN D 48 -4.36 -10.36 8.25
C GLN D 48 -5.12 -9.54 9.30
N HIS D 49 -6.46 -9.61 9.35
CA HIS D 49 -7.22 -8.86 10.37
C HIS D 49 -7.23 -9.59 11.71
N ILE D 50 -7.21 -10.94 11.69
CA ILE D 50 -7.21 -11.74 12.91
C ILE D 50 -5.88 -11.53 13.62
N VAL D 51 -5.93 -11.17 14.90
CA VAL D 51 -4.72 -10.96 15.70
C VAL D 51 -4.72 -11.95 16.83
N TYR D 52 -3.73 -12.83 16.88
CA TYR D 52 -3.62 -13.80 17.96
C TYR D 52 -2.60 -13.31 18.98
N CYS D 53 -3.07 -12.83 20.14
CA CYS D 53 -2.18 -12.43 21.23
C CYS D 53 -2.18 -13.48 22.36
N SER D 54 -2.33 -14.75 21.98
CA SER D 54 -2.45 -15.93 22.83
C SER D 54 -1.36 -16.03 23.90
N ASN D 55 -0.10 -15.79 23.52
CA ASN D 55 1.01 -15.82 24.46
C ASN D 55 1.80 -14.52 24.35
N ASP D 56 1.09 -13.38 24.28
CA ASP D 56 1.74 -12.09 24.16
C ASP D 56 1.30 -11.12 25.26
N LEU D 57 2.14 -10.09 25.51
CA LEU D 57 1.86 -9.03 26.47
C LEU D 57 0.64 -8.18 26.07
N LEU D 58 0.23 -8.23 24.79
CA LEU D 58 -0.96 -7.56 24.25
C LEU D 58 -2.24 -8.24 24.78
N GLY D 59 -2.18 -9.55 25.00
CA GLY D 59 -3.31 -10.31 25.56
C GLY D 59 -3.55 -9.98 27.02
N ASP D 60 -2.47 -9.68 27.75
CA ASP D 60 -2.56 -9.27 29.15
C ASP D 60 -3.01 -7.80 29.32
N LEU D 61 -3.28 -7.10 28.20
CA LEU D 61 -3.74 -5.72 28.12
C LEU D 61 -5.18 -5.69 27.56
N PHE D 62 -5.48 -6.58 26.60
CA PHE D 62 -6.79 -6.67 25.98
C PHE D 62 -7.79 -7.51 26.76
N GLY D 63 -7.33 -8.34 27.69
CA GLY D 63 -8.20 -9.22 28.44
C GLY D 63 -8.87 -10.27 27.56
N VAL D 64 -8.18 -10.65 26.46
CA VAL D 64 -8.64 -11.62 25.47
C VAL D 64 -7.46 -12.08 24.61
N PRO D 65 -7.40 -13.37 24.23
CA PRO D 65 -6.28 -13.84 23.41
C PRO D 65 -6.47 -13.73 21.90
N SER D 66 -7.50 -13.01 21.44
CA SER D 66 -7.79 -12.82 20.00
C SER D 66 -8.71 -11.65 19.74
N PHE D 67 -8.45 -10.90 18.67
CA PHE D 67 -9.28 -9.78 18.25
C PHE D 67 -9.15 -9.49 16.76
N SER D 68 -10.11 -8.75 16.20
CA SER D 68 -10.08 -8.41 14.77
C SER D 68 -9.84 -6.92 14.62
N VAL D 69 -8.99 -6.52 13.65
CA VAL D 69 -8.79 -5.09 13.38
C VAL D 69 -10.07 -4.46 12.78
N LYS D 70 -11.03 -5.30 12.33
CA LYS D 70 -12.34 -4.89 11.85
C LYS D 70 -13.15 -4.32 13.02
N GLU D 71 -13.01 -4.90 14.24
CA GLU D 71 -13.69 -4.47 15.46
C GLU D 71 -13.23 -3.08 15.89
N HIS D 72 -13.88 -2.02 15.38
CA HIS D 72 -13.52 -0.63 15.68
C HIS D 72 -13.83 -0.21 17.13
N ARG D 73 -14.83 -0.83 17.79
CA ARG D 73 -15.18 -0.47 19.16
C ARG D 73 -14.20 -1.08 20.18
N LYS D 74 -14.05 -2.41 20.16
CA LYS D 74 -13.20 -3.22 21.05
C LYS D 74 -11.78 -2.65 21.25
N ILE D 75 -11.13 -2.24 20.15
CA ILE D 75 -9.78 -1.68 20.16
C ILE D 75 -9.75 -0.35 20.92
N TYR D 76 -10.63 0.60 20.53
CA TYR D 76 -10.74 1.92 21.16
C TYR D 76 -11.08 1.80 22.65
N THR D 77 -11.91 0.81 23.01
CA THR D 77 -12.30 0.47 24.38
C THR D 77 -11.04 0.22 25.23
N MET D 78 -10.11 -0.62 24.72
CA MET D 78 -8.85 -0.98 25.37
C MET D 78 -7.89 0.21 25.45
N ILE D 79 -7.82 1.01 24.37
CA ILE D 79 -6.90 2.14 24.34
C ILE D 79 -7.18 3.15 25.45
N TYR D 80 -8.39 3.73 25.51
CA TYR D 80 -8.73 4.69 26.55
C TYR D 80 -8.70 4.11 27.96
N ARG D 81 -9.04 2.82 28.11
CA ARG D 81 -9.00 2.16 29.42
C ARG D 81 -7.57 1.94 29.95
N ASN D 82 -6.55 2.23 29.14
CA ASN D 82 -5.17 2.04 29.56
C ASN D 82 -4.33 3.32 29.40
N LEU D 83 -4.97 4.50 29.49
CA LEU D 83 -4.25 5.76 29.41
C LEU D 83 -4.82 6.84 30.33
N VAL D 84 -4.01 7.86 30.64
CA VAL D 84 -4.39 9.00 31.49
C VAL D 84 -4.20 10.26 30.65
N VAL D 85 -5.25 11.06 30.46
CA VAL D 85 -5.14 12.29 29.66
C VAL D 85 -4.46 13.41 30.46
N VAL D 86 -3.41 14.03 29.88
CA VAL D 86 -2.67 15.11 30.54
C VAL D 86 -3.36 16.46 30.33
N THR E 2 -10.55 3.02 -23.95
CA THR E 2 -9.31 3.75 -24.05
C THR E 2 -8.46 3.31 -25.24
N SER E 3 -8.07 4.27 -26.07
CA SER E 3 -7.11 4.03 -27.16
C SER E 3 -5.72 3.61 -26.69
N PHE E 4 -5.42 3.82 -25.40
CA PHE E 4 -4.22 3.32 -24.74
C PHE E 4 -4.21 1.79 -24.82
N GLU E 6 -5.55 -0.38 -26.73
CA GLU E 6 -5.33 -0.99 -28.03
C GLU E 6 -3.86 -1.00 -28.42
N TYR E 7 -3.17 0.13 -28.18
CA TYR E 7 -1.73 0.27 -28.33
C TYR E 7 -1.00 -0.80 -27.50
N TRP E 8 -1.42 -0.97 -26.24
CA TRP E 8 -0.81 -1.89 -25.29
C TRP E 8 -1.04 -3.36 -25.68
N LEU E 10 -0.85 -4.51 -28.61
CA LEU E 10 0.13 -4.85 -29.64
C LEU E 10 1.45 -5.39 -29.07
N LEU E 11 1.66 -5.23 -27.76
CA LEU E 11 2.72 -5.92 -27.04
C LEU E 11 2.58 -7.44 -27.12
N SER E 12 1.45 -7.98 -26.65
CA SER E 12 1.26 -9.42 -26.56
C SER E 12 0.83 -9.97 -27.93
N PRO E 13 1.12 -11.24 -28.26
CA PRO E 13 1.18 -12.40 -27.36
C PRO E 13 2.54 -12.66 -26.70
C THR F 2 20.80 -4.56 20.20
N SER F 3 19.72 -3.86 20.56
CA SER F 3 18.59 -3.63 19.65
C SER F 3 18.98 -3.07 18.29
N PHE F 4 18.21 -3.46 17.27
CA PHE F 4 18.13 -2.77 15.99
C PHE F 4 17.87 -1.26 16.16
N GLU F 6 18.38 0.67 18.76
CA GLU F 6 19.56 1.28 19.35
C GLU F 6 20.62 1.59 18.29
N TYR F 7 20.94 0.58 17.46
CA TYR F 7 21.83 0.74 16.32
C TYR F 7 21.35 1.83 15.37
N TRP F 8 20.06 1.78 15.02
CA TRP F 8 19.47 2.70 14.05
C TRP F 8 19.53 4.15 14.52
N LEU F 10 22.02 5.48 15.98
CA LEU F 10 23.37 5.95 15.70
C LEU F 10 23.57 6.53 14.30
N LEU F 11 22.56 6.43 13.43
CA LEU F 11 22.52 7.26 12.23
C LEU F 11 22.29 8.73 12.55
N SER F 12 21.44 9.01 13.55
CA SER F 12 21.11 10.37 13.94
C SER F 12 21.50 10.61 15.41
N PRO F 13 22.79 10.83 15.71
CA PRO F 13 23.23 10.90 17.11
C PRO F 13 22.83 12.23 17.78
N SER G 3 -16.09 -1.74 -23.46
CA SER G 3 -17.54 -1.75 -23.59
C SER G 3 -18.30 -2.10 -22.31
N PHE G 4 -17.61 -2.65 -21.30
CA PHE G 4 -17.98 -2.42 -19.91
C PHE G 4 -17.87 -0.94 -19.58
N GLU G 6 -18.11 1.78 -21.24
CA GLU G 6 -19.13 2.69 -21.74
C GLU G 6 -20.52 2.43 -21.15
N TYR G 7 -20.76 1.23 -20.59
CA TYR G 7 -21.84 1.04 -19.64
C TYR G 7 -21.57 1.82 -18.35
N TRP G 8 -20.32 1.74 -17.88
CA TRP G 8 -19.87 2.37 -16.64
C TRP G 8 -19.67 3.88 -16.71
N LEU G 10 -22.21 5.63 -18.13
CA LEU G 10 -23.57 6.09 -18.02
C LEU G 10 -24.02 6.39 -16.58
N LEU G 11 -23.30 5.83 -15.59
CA LEU G 11 -23.46 6.23 -14.20
C LEU G 11 -23.05 7.69 -13.96
N SER G 12 -22.11 8.20 -14.77
CA SER G 12 -21.49 9.47 -14.53
C SER G 12 -22.45 10.62 -14.83
N PRO G 13 -22.25 11.79 -14.21
CA PRO G 13 -22.73 13.05 -14.80
C PRO G 13 -21.94 13.46 -16.04
#